data_7HHI
#
_entry.id   7HHI
#
_cell.length_a   41.416
_cell.length_b   41.811
_cell.length_c   157.693
_cell.angle_alpha   90.00
_cell.angle_beta   90.00
_cell.angle_gamma   90.00
#
_symmetry.space_group_name_H-M   'P 21 21 21'
#
loop_
_entity.id
_entity.type
_entity.pdbx_description
1 polymer 'Hepatoma-derived growth factor-related protein 2'
2 non-polymer 'SULFATE ION'
3 non-polymer 1,2-ETHANEDIOL
4 non-polymer ~{N},~{N}-dimethyl-1~{H}-pyrazole-4-sulfonamide
5 water water
#
_entity_poly.entity_id   1
_entity_poly.type   'polypeptide(L)'
_entity_poly.pdbx_seq_one_letter_code
;GMPHAFKPGDLVFAKMKGYPHWPARIDDIADGAVKPPPNKYPIFFFGTHETAFLGPKDLFPYDKSKDKYGKPNKRKGFNE
GLWEIQNNPHASYS
;
_entity_poly.pdbx_strand_id   A,B,C
#
# COMPACT_ATOMS: atom_id res chain seq x y z
N MET A 2 -13.47 3.63 24.75
CA MET A 2 -13.27 2.15 24.67
C MET A 2 -12.97 1.72 23.23
N PRO A 3 -12.28 0.57 23.04
CA PRO A 3 -11.93 0.07 21.72
C PRO A 3 -13.11 -0.51 20.93
N HIS A 4 -13.07 -0.30 19.62
CA HIS A 4 -14.09 -0.91 18.79
C HIS A 4 -13.44 -2.19 18.30
N ALA A 5 -14.12 -2.91 17.38
CA ALA A 5 -13.52 -3.98 16.60
C ALA A 5 -12.52 -3.38 15.59
N PHE A 6 -11.62 -4.21 15.05
CA PHE A 6 -10.68 -3.77 14.02
C PHE A 6 -11.45 -3.44 12.72
N LYS A 7 -11.08 -2.30 12.10
CA LYS A 7 -11.67 -1.90 10.84
C LYS A 7 -10.57 -1.56 9.83
N PRO A 8 -10.85 -1.67 8.51
CA PRO A 8 -9.82 -1.42 7.49
C PRO A 8 -9.33 -0.01 7.73
N GLY A 9 -8.01 0.19 7.66
CA GLY A 9 -7.39 1.48 7.90
C GLY A 9 -6.67 1.52 9.25
N ASP A 10 -6.93 0.52 10.10
CA ASP A 10 -6.30 0.49 11.41
C ASP A 10 -4.84 0.10 11.26
N LEU A 11 -3.96 0.78 12.03
CA LEU A 11 -2.53 0.54 12.01
C LEU A 11 -2.14 -0.36 13.18
N VAL A 12 -1.26 -1.33 12.93
CA VAL A 12 -1.02 -2.37 13.93
C VAL A 12 0.45 -2.75 13.83
N PHE A 13 0.96 -3.42 14.84
CA PHE A 13 2.05 -4.37 14.69
C PHE A 13 1.38 -5.72 14.56
N ALA A 14 1.75 -6.50 13.56
CA ALA A 14 1.16 -7.82 13.38
C ALA A 14 2.22 -8.89 13.61
N LYS A 15 1.86 -9.89 14.43
CA LYS A 15 2.81 -10.93 14.82
C LYS A 15 2.59 -12.21 14.02
N MET A 16 3.61 -12.55 13.21
CA MET A 16 3.71 -13.82 12.54
C MET A 16 4.73 -14.71 13.26
N LYS A 17 4.52 -16.02 13.19
CA LYS A 17 5.47 -16.99 13.75
C LYS A 17 6.81 -16.82 13.07
N GLY A 18 7.84 -16.59 13.87
CA GLY A 18 9.19 -16.50 13.33
C GLY A 18 9.57 -15.08 12.91
N TYR A 19 8.61 -14.16 12.85
CA TYR A 19 8.99 -12.79 12.51
C TYR A 19 8.75 -11.95 13.75
N PRO A 20 9.45 -10.80 13.92
CA PRO A 20 9.14 -9.92 15.05
C PRO A 20 7.83 -9.19 14.75
N HIS A 21 7.20 -8.64 15.80
CA HIS A 21 6.08 -7.73 15.60
C HIS A 21 6.41 -6.80 14.43
N TRP A 22 5.49 -6.74 13.44
CA TRP A 22 5.75 -6.11 12.14
C TRP A 22 4.73 -4.99 11.84
N PRO A 23 5.19 -3.78 11.42
CA PRO A 23 4.31 -2.66 11.06
C PRO A 23 3.39 -3.06 9.91
N ALA A 24 2.09 -2.85 10.11
CA ALA A 24 1.08 -3.27 9.15
C ALA A 24 -0.19 -2.41 9.30
N ARG A 25 -1.20 -2.77 8.50
CA ARG A 25 -2.47 -2.08 8.45
C ARG A 25 -3.52 -3.16 8.12
N ILE A 26 -4.76 -2.92 8.57
CA ILE A 26 -5.89 -3.73 8.13
C ILE A 26 -6.26 -3.21 6.75
N ASP A 27 -6.23 -4.09 5.75
CA ASP A 27 -6.59 -3.61 4.42
C ASP A 27 -8.09 -3.72 4.22
N ASP A 28 -8.59 -3.04 3.18
CA ASP A 28 -9.89 -3.34 2.61
C ASP A 28 -9.75 -4.53 1.67
N ILE A 29 -10.85 -5.26 1.51
CA ILE A 29 -10.95 -6.18 0.38
C ILE A 29 -11.52 -5.40 -0.79
N ALA A 30 -10.77 -5.36 -1.92
CA ALA A 30 -11.24 -4.73 -3.14
C ALA A 30 -12.29 -5.61 -3.82
N ASP A 31 -13.08 -4.99 -4.67
CA ASP A 31 -14.14 -5.70 -5.36
C ASP A 31 -13.50 -6.86 -6.12
N GLY A 32 -14.02 -8.07 -5.91
CA GLY A 32 -13.61 -9.20 -6.74
C GLY A 32 -12.31 -9.88 -6.30
N ALA A 33 -11.65 -9.33 -5.28
CA ALA A 33 -10.47 -9.87 -4.64
C ALA A 33 -10.87 -10.94 -3.61
N VAL A 34 -9.97 -11.88 -3.33
CA VAL A 34 -10.16 -12.97 -2.38
C VAL A 34 -10.45 -12.45 -0.97
N LYS A 35 -11.46 -13.04 -0.32
CA LYS A 35 -11.86 -12.72 1.05
C LYS A 35 -11.09 -13.56 2.05
N PRO A 36 -10.73 -13.02 3.23
CA PRO A 36 -10.02 -13.79 4.24
C PRO A 36 -11.00 -14.78 4.84
N PRO A 37 -10.51 -15.91 5.43
CA PRO A 37 -11.35 -16.76 6.27
C PRO A 37 -12.17 -15.99 7.30
N PRO A 38 -13.26 -16.60 7.82
CA PRO A 38 -14.04 -16.01 8.91
C PRO A 38 -13.14 -15.69 10.11
N ASN A 39 -13.42 -14.55 10.75
CA ASN A 39 -12.67 -14.04 11.90
C ASN A 39 -11.21 -13.72 11.57
N LYS A 40 -10.86 -13.68 10.27
CA LYS A 40 -9.55 -13.18 9.85
C LYS A 40 -9.68 -11.82 9.16
N TYR A 41 -8.59 -11.04 9.26
CA TYR A 41 -8.49 -9.74 8.60
C TYR A 41 -7.36 -9.85 7.61
N PRO A 42 -7.46 -9.21 6.43
CA PRO A 42 -6.33 -9.14 5.49
C PRO A 42 -5.34 -8.10 6.05
N ILE A 43 -4.10 -8.51 6.29
CA ILE A 43 -3.12 -7.59 6.84
C ILE A 43 -2.03 -7.32 5.78
N PHE A 44 -1.84 -6.04 5.43
CA PHE A 44 -0.78 -5.61 4.53
C PHE A 44 0.40 -5.18 5.40
N PHE A 45 1.57 -5.77 5.10
CA PHE A 45 2.75 -5.57 5.90
C PHE A 45 3.55 -4.50 5.20
N PHE A 46 3.83 -3.40 5.91
CA PHE A 46 4.68 -2.37 5.34
C PHE A 46 6.07 -2.92 5.08
N GLY A 47 6.73 -2.33 4.08
CA GLY A 47 8.11 -2.69 3.75
C GLY A 47 8.12 -3.87 2.79
N THR A 48 7.63 -5.03 3.25
CA THR A 48 7.60 -6.24 2.44
C THR A 48 6.48 -6.13 1.41
N HIS A 49 5.46 -5.32 1.74
CA HIS A 49 4.22 -5.21 1.01
C HIS A 49 3.61 -6.58 0.71
N GLU A 50 3.58 -7.48 1.70
CA GLU A 50 2.95 -8.79 1.55
C GLU A 50 1.67 -8.82 2.39
N THR A 51 0.73 -9.71 2.00
CA THR A 51 -0.52 -9.91 2.72
C THR A 51 -0.57 -11.30 3.39
N ALA A 52 -0.90 -11.33 4.67
CA ALA A 52 -1.41 -12.54 5.29
C ALA A 52 -2.77 -12.27 5.92
N PHE A 53 -3.44 -13.34 6.32
CA PHE A 53 -4.67 -13.30 7.08
C PHE A 53 -4.36 -13.63 8.53
N LEU A 54 -4.83 -12.79 9.46
CA LEU A 54 -4.53 -12.89 10.88
C LEU A 54 -5.77 -12.52 11.70
N GLY A 55 -5.99 -13.26 12.80
CA GLY A 55 -6.97 -12.87 13.80
C GLY A 55 -6.39 -11.82 14.76
N PRO A 56 -7.27 -11.19 15.58
CA PRO A 56 -6.85 -10.21 16.60
C PRO A 56 -5.75 -10.54 17.61
N LYS A 57 -5.64 -11.82 17.99
CA LYS A 57 -4.55 -12.24 18.86
C LYS A 57 -3.17 -11.83 18.30
N ASP A 58 -3.08 -11.68 16.99
CA ASP A 58 -1.79 -11.36 16.40
C ASP A 58 -1.64 -9.85 16.12
N LEU A 59 -2.66 -9.04 16.47
CA LEU A 59 -2.78 -7.66 15.99
C LEU A 59 -2.63 -6.70 17.17
N PHE A 60 -1.58 -5.87 17.12
CA PHE A 60 -1.23 -4.95 18.21
C PHE A 60 -1.41 -3.52 17.72
N PRO A 61 -2.43 -2.80 18.23
CA PRO A 61 -2.63 -1.39 17.88
C PRO A 61 -1.34 -0.58 17.93
N TYR A 62 -1.16 0.25 16.89
CA TYR A 62 0.09 0.90 16.59
C TYR A 62 0.40 1.95 17.66
N ASP A 63 -0.61 2.75 18.02
CA ASP A 63 -0.35 3.93 18.81
C ASP A 63 0.35 3.47 20.09
N LYS A 64 -0.21 2.41 20.69
CA LYS A 64 0.09 1.88 22.01
C LYS A 64 1.33 0.98 22.00
N SER A 65 1.69 0.47 20.82
CA SER A 65 2.70 -0.58 20.77
C SER A 65 4.02 -0.11 20.17
N LYS A 66 4.04 1.12 19.65
CA LYS A 66 5.18 1.60 18.88
C LYS A 66 6.43 1.81 19.72
N ASP A 67 6.27 2.14 21.01
N ASP A 67 6.28 2.14 21.00
CA ASP A 67 7.41 2.29 21.90
CA ASP A 67 7.48 2.27 21.84
C ASP A 67 8.12 0.94 22.07
C ASP A 67 8.15 0.91 21.99
N LYS A 68 7.35 -0.15 22.07
CA LYS A 68 7.90 -1.49 22.23
C LYS A 68 8.49 -2.00 20.92
N TYR A 69 7.87 -1.65 19.78
CA TYR A 69 8.05 -2.45 18.58
C TYR A 69 8.57 -1.60 17.42
N GLY A 70 8.41 -0.27 17.52
CA GLY A 70 8.81 0.64 16.46
C GLY A 70 10.29 0.99 16.57
N LYS A 71 11.13 -0.03 16.74
CA LYS A 71 12.57 0.18 16.75
C LYS A 71 13.16 -0.59 15.57
N PRO A 72 14.27 -0.14 14.97
CA PRO A 72 14.81 -0.76 13.77
C PRO A 72 15.21 -2.22 13.96
N ASN A 73 15.36 -2.92 12.82
CA ASN A 73 15.54 -4.36 12.83
C ASN A 73 16.23 -4.81 11.55
N LYS A 74 17.07 -5.84 11.69
CA LYS A 74 17.83 -6.40 10.59
C LYS A 74 16.91 -6.82 9.44
N ARG A 75 15.67 -7.25 9.77
CA ARG A 75 14.85 -7.98 8.81
C ARG A 75 14.56 -7.17 7.53
N LYS A 76 14.64 -7.89 6.40
CA LYS A 76 14.35 -7.39 5.06
C LYS A 76 12.97 -6.74 5.08
N GLY A 77 12.94 -5.43 4.82
CA GLY A 77 11.72 -4.69 4.55
C GLY A 77 11.24 -3.93 5.78
N PHE A 78 11.87 -4.22 6.92
CA PHE A 78 11.32 -3.78 8.18
C PHE A 78 11.48 -2.27 8.35
N ASN A 79 12.66 -1.76 8.01
CA ASN A 79 12.90 -0.34 8.27
C ASN A 79 12.12 0.53 7.30
N GLU A 80 11.97 0.02 6.08
CA GLU A 80 11.09 0.63 5.10
C GLU A 80 9.69 0.65 5.70
N GLY A 81 9.32 -0.51 6.26
CA GLY A 81 8.05 -0.72 6.92
C GLY A 81 7.79 0.36 7.97
N LEU A 82 8.83 0.66 8.76
CA LEU A 82 8.72 1.61 9.87
C LEU A 82 8.38 3.00 9.33
N TRP A 83 9.10 3.38 8.26
CA TRP A 83 8.93 4.67 7.60
C TRP A 83 7.52 4.78 7.03
N GLU A 84 7.04 3.70 6.39
CA GLU A 84 5.72 3.78 5.77
C GLU A 84 4.63 4.02 6.82
N ILE A 85 4.71 3.31 7.94
CA ILE A 85 3.60 3.34 8.88
C ILE A 85 3.59 4.72 9.55
N GLN A 86 4.76 5.37 9.61
CA GLN A 86 4.90 6.63 10.33
C GLN A 86 4.54 7.78 9.40
N ASN A 87 4.89 7.65 8.13
CA ASN A 87 4.95 8.76 7.19
C ASN A 87 3.84 8.64 6.13
N ASN A 88 3.31 7.45 5.81
CA ASN A 88 2.25 7.41 4.81
C ASN A 88 1.50 6.09 4.84
N PRO A 89 0.87 5.76 5.99
CA PRO A 89 0.36 4.41 6.24
C PRO A 89 -0.82 4.04 5.35
N HIS A 90 -1.41 5.04 4.70
CA HIS A 90 -2.64 4.82 3.97
C HIS A 90 -2.45 4.97 2.46
N ALA A 91 -1.19 5.01 1.97
CA ALA A 91 -0.93 5.09 0.54
C ALA A 91 -1.26 3.77 -0.15
N SER A 92 -1.41 3.82 -1.48
CA SER A 92 -1.37 2.63 -2.31
C SER A 92 0.08 2.22 -2.57
N TYR A 93 0.45 1.05 -2.05
CA TYR A 93 1.79 0.51 -2.30
C TYR A 93 1.68 -0.64 -3.31
N SER A 94 0.57 -0.68 -4.05
CA SER A 94 0.32 -1.68 -5.08
C SER A 94 1.61 -1.94 -5.89
N MET B 2 -29.79 1.20 -33.63
CA MET B 2 -29.74 -0.04 -34.45
C MET B 2 -29.72 -1.24 -33.50
N PRO B 3 -30.58 -2.27 -33.72
CA PRO B 3 -30.44 -3.55 -33.04
C PRO B 3 -29.08 -4.22 -33.21
N HIS B 4 -28.48 -4.59 -32.07
CA HIS B 4 -27.22 -5.30 -32.04
C HIS B 4 -27.45 -6.72 -31.49
N ALA B 5 -26.42 -7.57 -31.57
CA ALA B 5 -26.54 -8.96 -31.17
C ALA B 5 -26.75 -9.02 -29.66
N PHE B 6 -25.96 -8.21 -28.93
CA PHE B 6 -26.23 -7.94 -27.53
C PHE B 6 -27.16 -6.72 -27.42
N LYS B 7 -28.28 -6.87 -26.69
CA LYS B 7 -29.25 -5.82 -26.45
C LYS B 7 -29.24 -5.45 -24.96
N PRO B 8 -29.45 -4.16 -24.60
CA PRO B 8 -29.19 -3.71 -23.24
C PRO B 8 -30.28 -4.31 -22.35
N GLY B 9 -29.83 -5.13 -21.38
CA GLY B 9 -30.71 -5.88 -20.51
C GLY B 9 -30.41 -7.35 -20.64
N ASP B 10 -29.63 -7.71 -21.67
CA ASP B 10 -29.06 -9.04 -21.85
C ASP B 10 -28.20 -9.45 -20.64
N LEU B 11 -28.44 -10.65 -20.14
CA LEU B 11 -27.76 -11.14 -18.97
C LEU B 11 -26.56 -11.97 -19.40
N VAL B 12 -25.37 -11.66 -18.86
CA VAL B 12 -24.19 -12.44 -19.23
C VAL B 12 -23.39 -12.79 -17.99
N PHE B 13 -22.39 -13.67 -18.23
CA PHE B 13 -21.15 -13.65 -17.50
C PHE B 13 -20.16 -12.87 -18.35
N ALA B 14 -19.42 -11.95 -17.69
CA ALA B 14 -18.39 -11.11 -18.27
C ALA B 14 -17.00 -11.46 -17.72
N LYS B 15 -16.00 -11.55 -18.62
CA LYS B 15 -14.68 -12.01 -18.25
C LYS B 15 -13.73 -10.82 -18.18
N MET B 16 -12.94 -10.76 -17.11
CA MET B 16 -11.91 -9.74 -16.99
C MET B 16 -10.60 -10.41 -16.59
N LYS B 17 -9.47 -9.80 -16.95
CA LYS B 17 -8.20 -10.37 -16.54
C LYS B 17 -8.13 -10.36 -15.01
N GLY B 18 -7.86 -11.52 -14.40
CA GLY B 18 -7.61 -11.62 -12.98
C GLY B 18 -8.88 -11.87 -12.15
N TYR B 19 -9.96 -12.29 -12.83
CA TYR B 19 -11.24 -12.54 -12.19
C TYR B 19 -11.93 -13.68 -12.95
N PRO B 20 -12.77 -14.47 -12.27
CA PRO B 20 -13.63 -15.41 -12.97
C PRO B 20 -14.66 -14.70 -13.85
N HIS B 21 -15.14 -15.45 -14.83
CA HIS B 21 -16.38 -15.11 -15.51
C HIS B 21 -17.39 -14.57 -14.50
N TRP B 22 -17.76 -13.30 -14.69
CA TRP B 22 -18.49 -12.58 -13.67
C TRP B 22 -19.92 -12.32 -14.10
N PRO B 23 -20.91 -12.56 -13.20
CA PRO B 23 -22.31 -12.24 -13.45
C PRO B 23 -22.38 -10.76 -13.73
N ALA B 24 -22.97 -10.41 -14.88
CA ALA B 24 -23.08 -9.04 -15.37
C ALA B 24 -24.27 -8.94 -16.35
N ARG B 25 -24.54 -7.69 -16.76
CA ARG B 25 -25.60 -7.32 -17.68
C ARG B 25 -25.06 -6.31 -18.70
N ILE B 26 -25.65 -6.36 -19.90
CA ILE B 26 -25.47 -5.28 -20.87
C ILE B 26 -26.37 -4.12 -20.43
N ASP B 27 -25.76 -2.96 -20.16
CA ASP B 27 -26.47 -1.72 -19.87
C ASP B 27 -26.75 -0.92 -21.15
N ASP B 28 -27.60 0.12 -21.01
N ASP B 28 -27.64 0.08 -21.02
CA ASP B 28 -27.92 1.07 -22.07
CA ASP B 28 -27.87 1.11 -22.03
C ASP B 28 -26.73 2.03 -22.25
C ASP B 28 -26.72 2.13 -21.96
N VAL B 34 -19.86 8.57 -21.27
CA VAL B 34 -18.98 8.41 -22.46
C VAL B 34 -19.43 7.20 -23.24
N LYS B 35 -19.76 7.39 -24.54
CA LYS B 35 -20.24 6.32 -25.41
C LYS B 35 -19.17 5.23 -25.56
N PRO B 36 -19.55 3.92 -25.59
CA PRO B 36 -18.58 2.83 -25.66
C PRO B 36 -17.64 2.85 -26.86
N PRO B 37 -16.41 2.30 -26.75
CA PRO B 37 -15.53 2.12 -27.91
C PRO B 37 -16.25 1.23 -28.92
N PRO B 38 -15.77 1.16 -30.18
CA PRO B 38 -16.35 0.25 -31.18
C PRO B 38 -16.25 -1.20 -30.73
N ASN B 39 -17.13 -2.05 -31.30
CA ASN B 39 -17.11 -3.49 -31.10
C ASN B 39 -17.21 -3.85 -29.61
N LYS B 40 -17.75 -2.95 -28.77
CA LYS B 40 -17.81 -3.19 -27.34
C LYS B 40 -19.11 -2.64 -26.75
N TYR B 41 -19.59 -3.28 -25.67
CA TYR B 41 -20.79 -2.81 -25.02
C TYR B 41 -20.44 -2.25 -23.65
N PRO B 42 -21.36 -1.49 -23.02
CA PRO B 42 -21.22 -1.12 -21.61
C PRO B 42 -21.73 -2.25 -20.73
N ILE B 43 -20.89 -2.63 -19.76
CA ILE B 43 -21.15 -3.78 -18.91
C ILE B 43 -21.41 -3.33 -17.47
N PHE B 44 -22.53 -3.77 -16.91
CA PHE B 44 -22.76 -3.64 -15.49
C PHE B 44 -22.44 -4.98 -14.82
N PHE B 45 -21.57 -4.94 -13.79
CA PHE B 45 -21.21 -6.13 -13.02
C PHE B 45 -22.02 -6.22 -11.74
N PHE B 46 -22.89 -7.22 -11.62
CA PHE B 46 -23.65 -7.45 -10.39
C PHE B 46 -22.67 -7.67 -9.23
N GLY B 47 -23.17 -7.59 -7.99
CA GLY B 47 -22.35 -7.78 -6.80
C GLY B 47 -21.51 -6.54 -6.49
N THR B 48 -20.49 -6.27 -7.30
CA THR B 48 -19.59 -5.17 -7.09
C THR B 48 -20.22 -3.88 -7.64
N HIS B 49 -21.11 -4.02 -8.63
CA HIS B 49 -21.79 -2.88 -9.24
C HIS B 49 -20.79 -1.94 -9.89
N GLU B 50 -19.66 -2.50 -10.32
CA GLU B 50 -18.73 -1.77 -11.18
C GLU B 50 -19.20 -1.81 -12.64
N THR B 51 -18.48 -1.06 -13.48
CA THR B 51 -18.78 -1.02 -14.91
C THR B 51 -17.45 -1.12 -15.66
N ALA B 52 -17.50 -1.71 -16.86
CA ALA B 52 -16.38 -1.66 -17.80
C ALA B 52 -16.94 -1.84 -19.20
N PHE B 53 -16.15 -1.46 -20.19
CA PHE B 53 -16.42 -1.83 -21.57
C PHE B 53 -15.80 -3.20 -21.80
N LEU B 54 -16.55 -4.08 -22.50
CA LEU B 54 -16.11 -5.42 -22.86
C LEU B 54 -16.65 -5.74 -24.24
N GLY B 55 -15.86 -6.49 -25.03
CA GLY B 55 -16.27 -6.93 -26.36
C GLY B 55 -16.89 -8.32 -26.30
N PRO B 56 -17.68 -8.76 -27.32
CA PRO B 56 -18.33 -10.06 -27.27
C PRO B 56 -17.46 -11.28 -26.93
N LYS B 57 -16.12 -11.21 -27.14
CA LYS B 57 -15.25 -12.36 -26.91
C LYS B 57 -15.20 -12.71 -25.41
N ASP B 58 -15.60 -11.74 -24.59
CA ASP B 58 -15.59 -11.85 -23.14
C ASP B 58 -17.01 -11.72 -22.60
N LEU B 59 -17.99 -12.12 -23.40
CA LEU B 59 -19.36 -11.94 -22.97
C LEU B 59 -20.09 -13.24 -23.24
N PHE B 60 -20.57 -13.87 -22.16
CA PHE B 60 -21.11 -15.22 -22.29
C PHE B 60 -22.60 -15.19 -21.95
N PRO B 61 -23.47 -15.40 -22.97
CA PRO B 61 -24.91 -15.55 -22.74
C PRO B 61 -25.18 -16.38 -21.49
N TYR B 62 -25.85 -15.76 -20.51
CA TYR B 62 -25.97 -16.26 -19.14
C TYR B 62 -26.60 -17.64 -19.08
N ASP B 63 -27.80 -17.78 -19.68
CA ASP B 63 -28.60 -18.99 -19.69
C ASP B 63 -27.80 -20.14 -20.29
N LYS B 64 -27.02 -19.85 -21.34
CA LYS B 64 -26.13 -20.84 -21.93
C LYS B 64 -25.08 -21.29 -20.92
N SER B 65 -24.56 -20.37 -20.10
CA SER B 65 -23.31 -20.58 -19.36
C SER B 65 -23.48 -20.70 -17.85
N LYS B 66 -24.73 -20.62 -17.34
CA LYS B 66 -24.98 -20.57 -15.92
C LYS B 66 -24.36 -21.77 -15.21
N ASP B 67 -24.56 -22.99 -15.72
CA ASP B 67 -24.07 -24.15 -15.00
C ASP B 67 -22.53 -24.13 -14.88
N LYS B 68 -21.85 -23.66 -15.94
CA LYS B 68 -20.40 -23.65 -16.00
C LYS B 68 -19.84 -22.58 -15.07
N TYR B 69 -20.32 -21.33 -15.18
CA TYR B 69 -19.71 -20.21 -14.46
C TYR B 69 -20.50 -19.81 -13.21
N GLY B 70 -21.68 -20.40 -13.04
CA GLY B 70 -22.55 -19.91 -11.98
C GLY B 70 -22.20 -20.42 -10.57
N LYS B 71 -20.95 -20.82 -10.33
CA LYS B 71 -20.61 -21.48 -9.08
C LYS B 71 -20.10 -20.44 -8.07
N PRO B 72 -20.51 -20.53 -6.78
CA PRO B 72 -19.99 -19.64 -5.75
C PRO B 72 -18.46 -19.67 -5.63
N ASN B 73 -17.88 -18.56 -5.18
CA ASN B 73 -16.45 -18.53 -4.90
C ASN B 73 -16.19 -17.51 -3.79
N LYS B 74 -14.92 -17.24 -3.48
CA LYS B 74 -14.50 -16.50 -2.29
C LYS B 74 -14.14 -15.06 -2.66
N ARG B 75 -14.54 -14.68 -3.88
CA ARG B 75 -14.23 -13.36 -4.38
C ARG B 75 -15.36 -12.43 -3.95
N LYS B 76 -14.94 -11.28 -3.37
CA LYS B 76 -15.82 -10.27 -2.81
C LYS B 76 -16.79 -9.80 -3.86
N GLY B 77 -18.09 -9.97 -3.57
CA GLY B 77 -19.16 -9.43 -4.38
C GLY B 77 -19.81 -10.50 -5.28
N PHE B 78 -19.15 -11.67 -5.36
CA PHE B 78 -19.46 -12.65 -6.39
C PHE B 78 -20.79 -13.33 -6.10
N ASN B 79 -20.91 -13.85 -4.88
CA ASN B 79 -22.14 -14.50 -4.44
C ASN B 79 -23.30 -13.50 -4.37
N GLU B 80 -23.05 -12.29 -3.88
CA GLU B 80 -24.06 -11.24 -3.99
C GLU B 80 -24.48 -11.05 -5.46
N GLY B 81 -23.47 -11.02 -6.36
CA GLY B 81 -23.67 -10.78 -7.78
C GLY B 81 -24.52 -11.90 -8.40
N LEU B 82 -24.30 -13.11 -7.91
CA LEU B 82 -25.05 -14.30 -8.27
C LEU B 82 -26.49 -14.15 -7.80
N TRP B 83 -26.68 -13.57 -6.62
CA TRP B 83 -28.03 -13.33 -6.13
C TRP B 83 -28.77 -12.38 -7.08
N GLU B 84 -28.09 -11.30 -7.51
CA GLU B 84 -28.69 -10.22 -8.32
C GLU B 84 -29.21 -10.77 -9.64
N ILE B 85 -28.43 -11.65 -10.24
CA ILE B 85 -28.71 -12.00 -11.61
C ILE B 85 -29.84 -13.02 -11.59
N GLN B 86 -29.96 -13.74 -10.47
CA GLN B 86 -30.99 -14.75 -10.28
C GLN B 86 -32.32 -14.13 -9.80
N ASN B 87 -32.26 -13.06 -9.01
CA ASN B 87 -33.46 -12.67 -8.28
C ASN B 87 -34.06 -11.36 -8.79
N ASN B 88 -33.22 -10.51 -9.40
CA ASN B 88 -33.63 -9.18 -9.80
C ASN B 88 -32.55 -8.59 -10.70
N PRO B 89 -32.26 -9.21 -11.87
CA PRO B 89 -31.31 -8.66 -12.85
C PRO B 89 -31.52 -7.25 -13.37
N HIS B 90 -32.74 -6.71 -13.22
CA HIS B 90 -33.10 -5.51 -13.97
C HIS B 90 -33.24 -4.30 -13.06
N ALA B 91 -32.84 -4.44 -11.80
CA ALA B 91 -33.04 -3.38 -10.83
C ALA B 91 -32.03 -2.27 -11.06
N SER B 92 -32.36 -1.05 -10.65
CA SER B 92 -31.34 -0.03 -10.42
C SER B 92 -30.49 -0.41 -9.22
N TYR B 93 -29.15 -0.31 -9.35
CA TYR B 93 -28.24 -0.61 -8.26
C TYR B 93 -27.44 0.62 -7.88
N SER B 94 -28.01 1.79 -8.22
CA SER B 94 -27.47 3.13 -8.07
C SER B 94 -26.65 3.33 -6.77
N HIS C 4 22.31 28.67 2.56
CA HIS C 4 21.78 28.90 3.94
C HIS C 4 22.93 29.30 4.87
N ALA C 5 22.90 28.74 6.09
CA ALA C 5 24.07 28.51 6.91
C ALA C 5 23.74 27.49 8.00
N PHE C 6 24.76 26.82 8.54
CA PHE C 6 24.52 25.63 9.34
C PHE C 6 25.37 25.65 10.60
N LYS C 7 24.76 25.25 11.73
CA LYS C 7 25.44 25.09 13.02
C LYS C 7 25.44 23.61 13.40
N PRO C 8 26.29 23.15 14.35
CA PRO C 8 26.30 21.73 14.76
C PRO C 8 24.93 21.23 15.23
N GLY C 9 24.70 19.92 15.13
CA GLY C 9 23.44 19.29 15.48
C GLY C 9 22.33 19.52 14.44
N ASP C 10 22.58 20.38 13.44
CA ASP C 10 21.60 20.72 12.41
C ASP C 10 21.32 19.51 11.52
N LEU C 11 20.03 19.27 11.24
CA LEU C 11 19.58 18.09 10.54
C LEU C 11 19.43 18.38 9.06
N VAL C 12 20.04 17.54 8.21
CA VAL C 12 20.11 17.80 6.78
C VAL C 12 19.89 16.50 6.01
N PHE C 13 19.64 16.64 4.70
CA PHE C 13 20.01 15.62 3.75
C PHE C 13 21.33 16.05 3.13
N ALA C 14 22.28 15.11 3.16
CA ALA C 14 23.61 15.30 2.64
C ALA C 14 23.70 14.55 1.33
N LYS C 15 24.35 15.17 0.35
CA LYS C 15 24.54 14.53 -0.93
C LYS C 15 26.02 14.40 -1.15
N MET C 16 26.46 13.17 -1.42
CA MET C 16 27.77 12.88 -1.94
C MET C 16 27.57 12.23 -3.30
N LYS C 17 28.66 12.18 -4.09
CA LYS C 17 28.66 11.55 -5.41
C LYS C 17 28.52 10.04 -5.23
N GLY C 18 27.65 9.43 -6.04
CA GLY C 18 27.50 7.99 -6.08
C GLY C 18 26.51 7.52 -5.01
N TYR C 19 25.80 8.48 -4.42
CA TYR C 19 24.98 8.22 -3.26
C TYR C 19 23.76 9.13 -3.36
N PRO C 20 22.57 8.63 -2.97
CA PRO C 20 21.38 9.46 -2.97
C PRO C 20 21.57 10.40 -1.79
N HIS C 21 20.71 11.44 -1.75
CA HIS C 21 20.61 12.39 -0.66
C HIS C 21 20.32 11.61 0.62
N TRP C 22 21.19 11.79 1.62
CA TRP C 22 21.28 10.90 2.77
C TRP C 22 20.94 11.67 4.03
N PRO C 23 20.05 11.12 4.89
CA PRO C 23 19.69 11.76 6.15
C PRO C 23 20.94 11.87 7.02
N ALA C 24 21.18 13.04 7.60
CA ALA C 24 22.49 13.33 8.15
C ALA C 24 22.37 14.54 9.07
N ARG C 25 23.47 14.91 9.76
CA ARG C 25 23.41 16.07 10.63
C ARG C 25 24.80 16.68 10.73
N ILE C 26 24.82 17.98 11.05
CA ILE C 26 26.08 18.70 11.26
C ILE C 26 26.64 18.29 12.62
N ASP C 27 27.88 17.78 12.58
CA ASP C 27 28.67 17.62 13.79
C ASP C 27 29.24 18.97 14.23
N ASP C 28 29.76 19.02 15.46
CA ASP C 28 30.75 20.02 15.83
C ASP C 28 32.14 19.48 15.48
N ILE C 29 33.10 20.39 15.28
CA ILE C 29 34.46 19.99 15.00
C ILE C 29 35.26 20.07 16.31
N ALA C 30 36.18 19.11 16.49
CA ALA C 30 36.99 19.02 17.70
C ALA C 30 38.03 20.15 17.72
N LYS C 35 41.41 19.93 11.32
CA LYS C 35 40.43 20.95 10.90
C LYS C 35 39.77 20.50 9.60
N PRO C 36 38.55 20.99 9.27
CA PRO C 36 37.88 20.64 8.02
C PRO C 36 38.60 21.29 6.83
N PRO C 37 38.39 20.83 5.58
CA PRO C 37 38.88 21.58 4.42
C PRO C 37 38.13 22.91 4.36
N PRO C 38 38.69 23.95 3.69
CA PRO C 38 38.07 25.27 3.69
C PRO C 38 36.62 25.16 3.28
N ASN C 39 35.75 25.57 4.20
CA ASN C 39 34.33 25.79 3.96
C ASN C 39 33.58 24.47 3.72
N LYS C 40 34.11 23.38 4.28
CA LYS C 40 33.39 22.11 4.35
C LYS C 40 32.95 21.92 5.79
N TYR C 41 31.77 21.30 5.97
CA TYR C 41 31.21 21.01 7.30
C TYR C 41 31.43 19.52 7.63
N PRO C 42 31.62 19.16 8.92
CA PRO C 42 31.64 17.74 9.31
C PRO C 42 30.22 17.20 9.30
N ILE C 43 30.02 16.04 8.64
CA ILE C 43 28.71 15.40 8.50
C ILE C 43 28.72 14.01 9.12
N PHE C 44 27.73 13.75 9.99
CA PHE C 44 27.35 12.41 10.41
C PHE C 44 26.11 11.96 9.61
N PHE C 45 26.23 10.86 8.87
CA PHE C 45 25.12 10.24 8.19
C PHE C 45 24.45 9.23 9.12
N PHE C 46 23.12 9.31 9.27
CA PHE C 46 22.31 8.32 9.98
C PHE C 46 22.29 7.01 9.19
N GLY C 47 22.05 5.89 9.89
CA GLY C 47 21.99 4.59 9.24
C GLY C 47 23.36 3.92 9.14
N THR C 48 24.21 4.39 8.20
CA THR C 48 25.60 3.96 8.16
C THR C 48 26.35 4.40 9.43
N HIS C 49 26.10 5.65 9.86
CA HIS C 49 26.79 6.32 10.96
C HIS C 49 28.23 6.65 10.58
N GLU C 50 28.47 6.87 9.29
CA GLU C 50 29.81 7.20 8.83
C GLU C 50 29.97 8.71 8.88
N THR C 51 31.16 9.21 8.51
CA THR C 51 31.39 10.65 8.52
C THR C 51 32.13 11.06 7.26
N ALA C 52 32.17 12.38 6.98
CA ALA C 52 32.77 12.95 5.78
C ALA C 52 32.75 14.46 5.92
N PHE C 53 33.48 15.13 5.01
CA PHE C 53 33.41 16.58 4.87
C PHE C 53 32.65 16.95 3.62
N LEU C 54 31.62 17.81 3.78
CA LEU C 54 30.85 18.29 2.65
C LEU C 54 30.77 19.81 2.67
N GLY C 55 30.74 20.40 1.46
CA GLY C 55 30.46 21.81 1.20
C GLY C 55 28.96 22.08 1.30
N PRO C 56 28.53 23.36 1.45
CA PRO C 56 27.12 23.66 1.68
C PRO C 56 26.27 23.38 0.45
N LYS C 57 26.92 23.35 -0.72
CA LYS C 57 26.26 22.98 -1.95
C LYS C 57 25.51 21.66 -1.77
N ASP C 58 25.97 20.87 -0.79
CA ASP C 58 25.67 19.44 -0.69
C ASP C 58 24.68 19.18 0.44
N LEU C 59 24.22 20.25 1.08
CA LEU C 59 23.51 20.18 2.34
C LEU C 59 22.11 20.76 2.17
N PHE C 60 21.11 20.13 2.81
CA PHE C 60 19.73 20.52 2.61
C PHE C 60 18.95 20.41 3.92
N PRO C 61 18.44 21.52 4.48
CA PRO C 61 17.62 21.46 5.68
C PRO C 61 16.63 20.30 5.65
N TYR C 62 16.55 19.61 6.80
CA TYR C 62 15.77 18.39 6.97
C TYR C 62 14.31 18.68 6.68
N ASP C 63 13.70 19.53 7.52
CA ASP C 63 12.32 19.99 7.38
C ASP C 63 12.02 20.61 6.02
N LYS C 64 12.94 21.43 5.49
CA LYS C 64 12.71 22.05 4.18
C LYS C 64 12.59 21.00 3.06
N SER C 65 13.38 19.92 3.10
CA SER C 65 13.67 19.09 1.94
C SER C 65 13.15 17.66 2.08
N LYS C 66 12.73 17.28 3.30
CA LYS C 66 12.30 15.93 3.63
C LYS C 66 11.32 15.42 2.57
N ASP C 67 10.23 16.15 2.34
CA ASP C 67 9.21 15.70 1.41
C ASP C 67 9.85 15.24 0.11
N LYS C 68 11.00 15.85 -0.23
CA LYS C 68 11.64 15.49 -1.48
C LYS C 68 12.53 14.25 -1.28
N TYR C 69 13.36 14.28 -0.22
CA TYR C 69 14.41 13.28 -0.04
C TYR C 69 14.05 12.27 1.04
N GLY C 70 13.07 12.60 1.89
CA GLY C 70 12.66 11.68 2.93
C GLY C 70 11.77 10.58 2.33
N LYS C 71 12.31 9.87 1.33
CA LYS C 71 11.63 8.71 0.77
C LYS C 71 12.55 7.52 0.95
N PRO C 72 12.03 6.31 1.27
CA PRO C 72 12.89 5.13 1.40
C PRO C 72 13.64 4.77 0.12
N ASN C 73 14.80 4.12 0.28
CA ASN C 73 15.42 3.36 -0.78
C ASN C 73 16.19 2.20 -0.15
N LYS C 74 16.88 1.39 -0.96
CA LYS C 74 17.44 0.14 -0.49
C LYS C 74 18.96 0.23 -0.31
N ARG C 75 19.52 1.43 -0.42
CA ARG C 75 20.95 1.58 -0.22
C ARG C 75 21.24 1.25 1.24
N LYS C 76 22.32 0.48 1.46
CA LYS C 76 22.64 -0.05 2.77
C LYS C 76 22.67 1.08 3.80
N GLY C 77 21.78 0.96 4.80
CA GLY C 77 21.79 1.82 5.97
C GLY C 77 20.74 2.92 5.86
N PHE C 78 20.14 3.04 4.67
CA PHE C 78 19.37 4.23 4.33
C PHE C 78 18.13 4.31 5.21
N ASN C 79 17.27 3.30 5.07
CA ASN C 79 15.99 3.30 5.75
C ASN C 79 16.23 3.41 7.25
N GLU C 80 17.22 2.67 7.75
CA GLU C 80 17.57 2.77 9.16
C GLU C 80 17.94 4.21 9.49
N GLY C 81 18.62 4.86 8.54
CA GLY C 81 19.07 6.23 8.64
C GLY C 81 17.90 7.21 8.64
N LEU C 82 16.83 6.85 7.91
CA LEU C 82 15.57 7.58 7.93
C LEU C 82 14.91 7.51 9.31
N TRP C 83 14.90 6.31 9.91
CA TRP C 83 14.31 6.18 11.23
C TRP C 83 15.05 7.06 12.23
N GLU C 84 16.37 7.12 12.14
CA GLU C 84 17.16 7.80 13.16
C GLU C 84 16.87 9.28 13.09
N ILE C 85 16.76 9.81 11.86
CA ILE C 85 16.71 11.25 11.69
C ILE C 85 15.37 11.80 12.17
N GLN C 86 14.30 11.02 11.98
CA GLN C 86 12.94 11.27 12.48
C GLN C 86 12.85 11.06 13.99
N ASN C 87 13.52 10.03 14.51
CA ASN C 87 13.09 9.42 15.77
C ASN C 87 14.14 9.57 16.87
N ASN C 88 15.43 9.69 16.48
CA ASN C 88 16.52 9.65 17.44
C ASN C 88 17.67 10.54 16.93
N PRO C 89 17.41 11.78 16.50
CA PRO C 89 18.40 12.52 15.71
C PRO C 89 19.65 13.02 16.43
N HIS C 90 19.70 12.86 17.76
CA HIS C 90 20.78 13.48 18.52
C HIS C 90 21.39 12.48 19.49
N ALA C 91 21.30 11.18 19.19
CA ALA C 91 21.94 10.14 19.98
C ALA C 91 23.39 9.93 19.53
N SER C 92 24.22 9.35 20.42
CA SER C 92 25.68 9.41 20.34
C SER C 92 26.29 8.45 19.32
N TYR C 93 25.67 7.27 19.13
CA TYR C 93 26.17 6.26 18.21
C TYR C 93 27.70 6.10 18.36
#